data_7MLP
#
_entry.id   7MLP
#
_cell.length_a   38.658
_cell.length_b   77.867
_cell.length_c   53.244
_cell.angle_alpha   90.000
_cell.angle_beta   111.250
_cell.angle_gamma   90.000
#
_symmetry.space_group_name_H-M   'P 1 21 1'
#
loop_
_entity.id
_entity.type
_entity.pdbx_description
1 polymer Ricin
2 non-polymer '5-(2,6-dimethylphenyl)thiophene-2-carboxylic acid'
3 non-polymer 1,2-ETHANEDIOL
4 non-polymer 'ZINC ION'
5 water water
#
_entity_poly.entity_id   1
_entity_poly.type   'polypeptide(L)'
_entity_poly.pdbx_seq_one_letter_code
;MIFPKQYPIINFTTAGATVQSYTNFIRAVRGRLTTGADVRHEIPVLPNRVGLPINQRFILVELSNHAELSVTLALDVTNA
YVVGYRAGNSAYFFHPDNQEDAEAITHLFTDVQNRYTFAFGGNYDRLEQLAGNLRENIELGNGPLEEAISALYYYSTGGT
QLPTLARSFIICIQMISEAARFQYIEGEMRTRIRYNRRSAPDPSVITLENSWGRLSTAIQESNQGAFASPIQLQRRNGSK
FSVYDVSILIPIIALMVYRCAPPPSSQF
;
_entity_poly.pdbx_strand_id   A
#
loop_
_chem_comp.id
_chem_comp.type
_chem_comp.name
_chem_comp.formula
EDO non-polymer 1,2-ETHANEDIOL 'C2 H6 O2'
ZJ4 non-polymer '5-(2,6-dimethylphenyl)thiophene-2-carboxylic acid' 'C13 H12 O2 S'
ZN non-polymer 'ZINC ION' 'Zn 2'
#
# COMPACT_ATOMS: atom_id res chain seq x y z
N GLN A 6 -6.58 17.71 11.29
CA GLN A 6 -5.46 16.71 11.29
C GLN A 6 -5.90 15.49 10.48
N TYR A 7 -4.99 14.87 9.73
CA TYR A 7 -5.30 13.64 8.95
C TYR A 7 -5.56 12.50 9.93
N PRO A 8 -6.52 11.59 9.65
CA PRO A 8 -6.75 10.45 10.53
C PRO A 8 -5.49 9.58 10.69
N ILE A 9 -5.24 9.11 11.91
CA ILE A 9 -4.14 8.17 12.26
C ILE A 9 -4.73 6.80 12.60
N ILE A 10 -4.23 5.75 11.96
CA ILE A 10 -4.52 4.33 12.29
C ILE A 10 -3.23 3.73 12.87
N ASN A 11 -3.30 3.10 14.03
CA ASN A 11 -2.13 2.52 14.73
C ASN A 11 -2.09 1.01 14.48
N PHE A 12 -0.90 0.49 14.14
CA PHE A 12 -0.61 -0.97 14.14
C PHE A 12 0.74 -1.25 14.83
N THR A 13 0.82 -2.35 15.59
CA THR A 13 2.11 -2.80 16.21
C THR A 13 2.40 -4.23 15.80
N THR A 14 3.67 -4.52 15.52
CA THR A 14 4.18 -5.89 15.30
C THR A 14 4.29 -6.62 16.64
N ALA A 15 4.32 -5.90 17.77
CA ALA A 15 4.48 -6.52 19.10
C ALA A 15 3.14 -7.16 19.49
N GLY A 16 3.09 -8.48 19.40
CA GLY A 16 1.93 -9.29 19.80
C GLY A 16 0.84 -9.26 18.75
N ALA A 17 1.18 -8.93 17.52
CA ALA A 17 0.23 -8.86 16.39
C ALA A 17 -0.48 -10.21 16.26
N THR A 18 -1.79 -10.18 16.05
CA THR A 18 -2.64 -11.39 15.90
C THR A 18 -3.40 -11.28 14.58
N VAL A 19 -4.00 -12.38 14.14
CA VAL A 19 -4.94 -12.32 12.99
C VAL A 19 -5.96 -11.22 13.25
N GLN A 20 -6.50 -11.13 14.48
CA GLN A 20 -7.53 -10.14 14.86
C GLN A 20 -6.98 -8.71 14.76
N SER A 21 -5.81 -8.42 15.35
CA SER A 21 -5.26 -7.04 15.35
C SER A 21 -4.97 -6.62 13.91
N TYR A 22 -4.47 -7.52 13.06
CA TYR A 22 -4.17 -7.20 11.65
C TYR A 22 -5.47 -6.99 10.87
N THR A 23 -6.51 -7.78 11.16
CA THR A 23 -7.85 -7.67 10.52
C THR A 23 -8.42 -6.29 10.84
N ASN A 24 -8.39 -5.91 12.11
CA ASN A 24 -8.94 -4.60 12.54
C ASN A 24 -8.16 -3.47 11.89
N PHE A 25 -6.86 -3.65 11.72
CA PHE A 25 -5.97 -2.63 11.10
C PHE A 25 -6.37 -2.40 9.64
N ILE A 26 -6.38 -3.45 8.81
CA ILE A 26 -6.68 -3.32 7.36
C ILE A 26 -8.11 -2.81 7.17
N ARG A 27 -9.07 -3.21 8.01
CA ARG A 27 -10.47 -2.72 7.89
C ARG A 27 -10.53 -1.23 8.27
N ALA A 28 -9.81 -0.80 9.30
CA ALA A 28 -9.73 0.63 9.66
C ALA A 28 -9.09 1.44 8.52
N VAL A 29 -8.04 0.91 7.86
CA VAL A 29 -7.34 1.59 6.72
C VAL A 29 -8.36 1.77 5.58
N ARG A 30 -9.03 0.70 5.19
CA ARG A 30 -10.05 0.76 4.10
C ARG A 30 -11.13 1.77 4.46
N GLY A 31 -11.58 1.79 5.73
CA GLY A 31 -12.64 2.69 6.23
C GLY A 31 -12.23 4.14 6.16
N ARG A 32 -10.94 4.45 6.31
CA ARG A 32 -10.43 5.84 6.21
C ARG A 32 -10.07 6.20 4.76
N LEU A 33 -9.78 5.23 3.89
CA LEU A 33 -9.41 5.47 2.47
C LEU A 33 -10.63 5.93 1.67
N THR A 34 -11.81 5.35 1.95
CA THR A 34 -13.07 5.63 1.23
C THR A 34 -14.27 5.43 2.14
N THR A 35 -15.36 6.15 1.87
CA THR A 35 -16.67 6.02 2.56
C THR A 35 -17.38 4.74 2.11
N GLY A 36 -17.05 4.22 0.93
CA GLY A 36 -17.75 3.10 0.29
C GLY A 36 -19.09 3.50 -0.31
N ALA A 37 -19.35 4.81 -0.41
CA ALA A 37 -20.55 5.41 -1.04
C ALA A 37 -20.56 5.15 -2.56
N ASP A 38 -19.38 5.05 -3.18
CA ASP A 38 -19.20 4.86 -4.65
C ASP A 38 -18.81 3.40 -4.87
N VAL A 39 -19.74 2.61 -5.39
CA VAL A 39 -19.58 1.15 -5.63
C VAL A 39 -19.87 0.91 -7.12
N ARG A 40 -18.99 0.20 -7.83
CA ARG A 40 -19.22 -0.18 -9.25
C ARG A 40 -19.11 -1.69 -9.34
N HIS A 41 -20.18 -2.36 -9.76
CA HIS A 41 -20.21 -3.84 -9.92
C HIS A 41 -19.74 -4.50 -8.62
N GLU A 42 -20.20 -3.98 -7.48
CA GLU A 42 -20.05 -4.53 -6.10
C GLU A 42 -18.61 -4.37 -5.60
N ILE A 43 -17.82 -3.48 -6.19
CA ILE A 43 -16.44 -3.17 -5.69
C ILE A 43 -16.35 -1.68 -5.39
N PRO A 44 -15.93 -1.28 -4.17
CA PRO A 44 -15.83 0.13 -3.82
C PRO A 44 -14.74 0.88 -4.60
N VAL A 45 -14.97 2.17 -4.83
CA VAL A 45 -14.04 3.10 -5.55
C VAL A 45 -13.47 4.08 -4.53
N LEU A 46 -12.17 4.35 -4.66
CA LEU A 46 -11.47 5.41 -3.88
C LEU A 46 -11.98 6.77 -4.35
N PRO A 47 -11.88 7.80 -3.50
CA PRO A 47 -12.37 9.12 -3.86
C PRO A 47 -11.66 9.64 -5.12
N ASN A 48 -12.45 10.34 -5.95
CA ASN A 48 -11.95 11.09 -7.13
C ASN A 48 -11.03 12.19 -6.63
N ARG A 49 -9.81 12.26 -7.16
CA ARG A 49 -8.82 13.32 -6.87
C ARG A 49 -9.47 14.67 -7.18
N VAL A 50 -10.23 14.75 -8.26
CA VAL A 50 -10.96 15.99 -8.67
C VAL A 50 -12.14 16.18 -7.71
N GLY A 51 -12.10 17.26 -6.92
CA GLY A 51 -13.12 17.60 -5.90
C GLY A 51 -12.68 17.23 -4.49
N LEU A 52 -11.54 16.56 -4.33
CA LEU A 52 -11.05 16.13 -3.00
C LEU A 52 -10.29 17.26 -2.35
N PRO A 53 -10.81 17.82 -1.22
CA PRO A 53 -10.10 18.87 -0.52
C PRO A 53 -8.78 18.35 0.06
N ILE A 54 -7.77 19.21 0.11
CA ILE A 54 -6.42 18.85 0.63
C ILE A 54 -6.54 18.33 2.08
N ASN A 55 -7.51 18.81 2.87
CA ASN A 55 -7.67 18.35 4.28
C ASN A 55 -8.23 16.92 4.33
N GLN A 56 -8.56 16.30 3.19
CA GLN A 56 -9.05 14.91 3.13
C GLN A 56 -8.15 14.04 2.25
N ARG A 57 -6.98 14.53 1.85
CA ARG A 57 -6.21 13.89 0.77
C ARG A 57 -5.42 12.69 1.30
N PHE A 58 -5.04 12.69 2.57
CA PHE A 58 -4.12 11.67 3.12
C PHE A 58 -4.69 11.02 4.37
N ILE A 59 -4.17 9.83 4.65
CA ILE A 59 -4.31 9.16 5.97
C ILE A 59 -2.91 8.78 6.43
N LEU A 60 -2.77 8.68 7.75
CA LEU A 60 -1.50 8.35 8.43
C LEU A 60 -1.66 6.97 9.06
N VAL A 61 -0.66 6.13 8.84
CA VAL A 61 -0.57 4.78 9.46
C VAL A 61 0.62 4.76 10.40
N GLU A 62 0.40 4.75 11.71
CA GLU A 62 1.54 4.72 12.65
C GLU A 62 1.90 3.27 12.97
N LEU A 63 3.13 2.87 12.64
CA LEU A 63 3.67 1.51 12.82
C LEU A 63 4.64 1.53 13.99
N SER A 64 4.48 0.62 14.94
CA SER A 64 5.37 0.41 16.10
C SER A 64 5.85 -1.04 16.10
N ASN A 65 7.00 -1.30 16.71
CA ASN A 65 7.58 -2.67 16.77
C ASN A 65 7.96 -2.97 18.22
N HIS A 66 8.54 -4.14 18.48
CA HIS A 66 8.93 -4.61 19.83
C HIS A 66 9.90 -3.62 20.48
N ALA A 67 10.70 -2.92 19.66
CA ALA A 67 11.73 -1.96 20.13
C ALA A 67 11.05 -0.63 20.49
N GLU A 68 9.71 -0.55 20.42
CA GLU A 68 8.91 0.69 20.64
C GLU A 68 9.49 1.82 19.77
N LEU A 69 9.98 1.49 18.60
CA LEU A 69 10.28 2.49 17.55
C LEU A 69 8.98 2.65 16.76
N SER A 70 8.64 3.90 16.41
N SER A 70 8.68 3.89 16.37
CA SER A 70 7.43 4.25 15.64
CA SER A 70 7.44 4.28 15.66
C SER A 70 7.83 5.02 14.38
C SER A 70 7.80 5.06 14.39
N VAL A 71 7.23 4.67 13.25
CA VAL A 71 7.30 5.45 11.99
C VAL A 71 5.86 5.65 11.52
N THR A 72 5.56 6.81 10.93
CA THR A 72 4.21 7.11 10.41
C THR A 72 4.29 7.19 8.88
N LEU A 73 3.60 6.30 8.19
CA LEU A 73 3.49 6.35 6.72
C LEU A 73 2.31 7.25 6.37
N ALA A 74 2.46 8.02 5.29
CA ALA A 74 1.39 8.84 4.69
C ALA A 74 0.90 8.09 3.44
N LEU A 75 -0.39 7.78 3.39
CA LEU A 75 -1.07 7.13 2.23
C LEU A 75 -1.93 8.18 1.52
N ASP A 76 -1.87 8.22 0.19
CA ASP A 76 -2.73 9.04 -0.69
C ASP A 76 -4.07 8.31 -0.80
N VAL A 77 -5.18 8.90 -0.34
CA VAL A 77 -6.51 8.21 -0.35
C VAL A 77 -6.97 7.95 -1.79
N THR A 78 -6.45 8.67 -2.79
CA THR A 78 -6.90 8.50 -4.20
C THR A 78 -6.36 7.18 -4.79
N ASN A 79 -5.25 6.65 -4.27
CA ASN A 79 -4.69 5.41 -4.86
C ASN A 79 -4.13 4.49 -3.76
N ALA A 80 -4.30 4.85 -2.49
CA ALA A 80 -3.84 4.07 -1.31
C ALA A 80 -2.31 3.91 -1.31
N TYR A 81 -1.56 4.67 -2.10
CA TYR A 81 -0.10 4.40 -2.18
C TYR A 81 0.61 5.22 -1.09
N VAL A 82 1.74 4.69 -0.64
CA VAL A 82 2.60 5.37 0.35
C VAL A 82 3.35 6.48 -0.39
N VAL A 83 3.28 7.71 0.10
CA VAL A 83 3.93 8.88 -0.56
C VAL A 83 5.15 9.32 0.27
N GLY A 84 5.23 8.89 1.53
CA GLY A 84 6.32 9.30 2.42
C GLY A 84 6.13 8.80 3.82
N TYR A 85 7.03 9.19 4.72
CA TYR A 85 6.94 8.78 6.13
C TYR A 85 7.65 9.80 7.02
N ARG A 86 7.32 9.71 8.31
CA ARG A 86 7.97 10.49 9.39
C ARG A 86 8.57 9.51 10.39
N ALA A 87 9.81 9.76 10.79
CA ALA A 87 10.49 9.08 11.92
C ALA A 87 11.04 10.19 12.81
N GLY A 88 10.43 10.40 13.99
CA GLY A 88 10.79 11.49 14.91
C GLY A 88 10.79 12.83 14.20
N ASN A 89 11.94 13.49 14.11
CA ASN A 89 12.06 14.91 13.68
C ASN A 89 12.42 14.99 12.20
N SER A 90 12.29 13.89 11.46
CA SER A 90 12.59 13.86 10.01
C SER A 90 11.41 13.24 9.24
N ALA A 91 11.06 13.83 8.10
CA ALA A 91 10.10 13.25 7.15
C ALA A 91 10.77 13.12 5.79
N TYR A 92 10.45 12.04 5.09
CA TYR A 92 10.97 11.68 3.76
C TYR A 92 9.80 11.42 2.82
N PHE A 93 9.89 11.92 1.59
CA PHE A 93 8.84 11.79 0.54
C PHE A 93 9.47 11.26 -0.74
N PHE A 94 8.74 10.39 -1.42
CA PHE A 94 9.06 9.96 -2.79
C PHE A 94 8.94 11.16 -3.72
N HIS A 95 9.73 11.16 -4.79
CA HIS A 95 9.66 12.17 -5.87
C HIS A 95 8.22 12.24 -6.39
N PRO A 96 7.51 13.38 -6.22
CA PRO A 96 6.18 13.52 -6.81
C PRO A 96 6.22 13.53 -8.34
N ASP A 97 5.14 13.02 -8.97
CA ASP A 97 5.02 12.83 -10.44
C ASP A 97 4.75 14.16 -11.15
N ASN A 98 4.28 15.19 -10.42
CA ASN A 98 3.83 16.48 -11.04
C ASN A 98 3.76 17.56 -9.96
N GLN A 99 3.40 18.77 -10.37
CA GLN A 99 3.38 19.98 -9.53
C GLN A 99 2.26 19.91 -8.48
N GLU A 100 1.07 19.44 -8.83
CA GLU A 100 -0.10 19.35 -7.91
C GLU A 100 0.26 18.42 -6.74
N ASP A 101 0.85 17.25 -7.04
CA ASP A 101 1.30 16.23 -6.05
C ASP A 101 2.42 16.82 -5.17
N ALA A 102 3.39 17.53 -5.77
CA ALA A 102 4.50 18.15 -5.01
C ALA A 102 3.91 19.12 -3.99
N GLU A 103 2.88 19.87 -4.37
CA GLU A 103 2.31 20.92 -3.48
C GLU A 103 1.50 20.19 -2.40
N ALA A 104 0.81 19.10 -2.76
CA ALA A 104 -0.01 18.32 -1.82
C ALA A 104 0.86 17.84 -0.65
N ILE A 105 2.06 17.30 -0.90
CA ILE A 105 2.90 16.66 0.16
C ILE A 105 3.43 17.73 1.13
N THR A 106 3.36 19.04 0.81
CA THR A 106 3.75 20.12 1.76
C THR A 106 2.75 20.16 2.91
N HIS A 107 1.58 19.55 2.77
CA HIS A 107 0.53 19.52 3.82
C HIS A 107 0.77 18.36 4.78
N LEU A 108 1.76 17.50 4.51
CA LEU A 108 2.08 16.37 5.42
C LEU A 108 3.18 16.73 6.40
N PHE A 109 2.98 16.38 7.67
CA PHE A 109 4.04 16.45 8.70
C PHE A 109 4.59 17.88 8.78
N THR A 110 3.69 18.86 8.82
CA THR A 110 4.02 20.29 8.59
C THR A 110 4.89 20.82 9.75
N ASP A 111 4.82 20.21 10.93
CA ASP A 111 5.57 20.67 12.12
C ASP A 111 6.92 19.96 12.20
N VAL A 112 7.21 19.00 11.31
CA VAL A 112 8.49 18.23 11.38
C VAL A 112 9.66 19.19 11.11
N GLN A 113 10.75 19.07 11.88
CA GLN A 113 11.94 19.95 11.78
C GLN A 113 12.60 19.77 10.40
N ASN A 114 12.79 18.52 9.96
CA ASN A 114 13.62 18.17 8.79
C ASN A 114 12.73 17.50 7.73
N ARG A 115 12.67 18.06 6.54
CA ARG A 115 11.87 17.54 5.40
C ARG A 115 12.80 17.23 4.24
N TYR A 116 12.67 16.04 3.65
CA TYR A 116 13.47 15.57 2.50
C TYR A 116 12.54 14.93 1.46
N THR A 117 12.75 15.30 0.20
CA THR A 117 12.12 14.64 -0.96
C THR A 117 13.21 13.87 -1.71
N PHE A 118 13.07 12.55 -1.80
CA PHE A 118 13.93 11.72 -2.65
C PHE A 118 13.76 12.14 -4.11
N ALA A 119 14.83 12.00 -4.89
CA ALA A 119 14.86 12.27 -6.35
C ALA A 119 14.12 11.14 -7.08
N PHE A 120 14.03 9.96 -6.47
CA PHE A 120 13.43 8.74 -7.07
C PHE A 120 11.97 8.54 -6.61
N GLY A 121 11.18 7.89 -7.48
CA GLY A 121 9.76 7.56 -7.26
C GLY A 121 9.59 6.33 -6.38
N GLY A 122 8.37 6.07 -5.91
CA GLY A 122 8.07 4.96 -4.98
C GLY A 122 7.49 3.72 -5.66
N ASN A 123 7.65 3.57 -6.97
CA ASN A 123 7.09 2.42 -7.73
C ASN A 123 7.96 1.19 -7.51
N TYR A 124 7.37 0.00 -7.62
CA TYR A 124 8.09 -1.28 -7.36
C TYR A 124 9.35 -1.38 -8.22
N ASP A 125 9.29 -0.98 -9.50
CA ASP A 125 10.43 -1.17 -10.43
C ASP A 125 11.63 -0.40 -9.88
N ARG A 126 11.42 0.84 -9.47
CA ARG A 126 12.48 1.70 -8.91
C ARG A 126 12.96 1.12 -7.58
N LEU A 127 12.05 0.75 -6.68
CA LEU A 127 12.41 0.29 -5.31
C LEU A 127 13.15 -1.06 -5.40
N GLU A 128 12.73 -1.94 -6.30
CA GLU A 128 13.42 -3.26 -6.49
C GLU A 128 14.86 -3.01 -6.95
N GLN A 129 15.05 -2.09 -7.88
CA GLN A 129 16.38 -1.72 -8.42
C GLN A 129 17.27 -1.20 -7.29
N LEU A 130 16.76 -0.27 -6.49
CA LEU A 130 17.54 0.33 -5.38
C LEU A 130 17.84 -0.72 -4.32
N ALA A 131 16.89 -1.60 -4.04
CA ALA A 131 17.04 -2.68 -3.04
C ALA A 131 18.05 -3.72 -3.54
N GLY A 132 18.16 -3.89 -4.86
CA GLY A 132 18.96 -4.96 -5.48
C GLY A 132 18.29 -6.30 -5.34
N ASN A 133 16.96 -6.30 -5.17
CA ASN A 133 16.17 -7.53 -5.02
C ASN A 133 14.76 -7.31 -5.55
N LEU A 134 14.22 -8.33 -6.21
CA LEU A 134 12.81 -8.38 -6.67
C LEU A 134 11.89 -8.73 -5.49
N ARG A 135 10.62 -8.34 -5.61
CA ARG A 135 9.55 -8.73 -4.68
C ARG A 135 9.56 -10.26 -4.47
N GLU A 136 9.82 -11.05 -5.50
CA GLU A 136 9.75 -12.53 -5.35
C GLU A 136 10.87 -13.04 -4.41
N ASN A 137 11.87 -12.22 -4.06
CA ASN A 137 12.98 -12.63 -3.16
C ASN A 137 12.96 -11.81 -1.87
N ILE A 138 11.90 -11.06 -1.58
CA ILE A 138 11.81 -10.28 -0.30
C ILE A 138 10.70 -10.86 0.58
N GLU A 139 11.08 -11.38 1.73
CA GLU A 139 10.14 -12.02 2.68
C GLU A 139 9.16 -11.00 3.26
N LEU A 140 7.91 -11.42 3.40
CA LEU A 140 6.81 -10.66 4.06
C LEU A 140 6.34 -11.42 5.30
N GLY A 141 5.85 -10.68 6.28
CA GLY A 141 5.32 -11.24 7.53
C GLY A 141 5.65 -10.31 8.67
N ASN A 142 5.37 -10.74 9.88
CA ASN A 142 5.49 -9.89 11.10
C ASN A 142 6.96 -9.57 11.35
N GLY A 143 7.87 -10.54 11.16
CA GLY A 143 9.34 -10.36 11.30
C GLY A 143 9.88 -9.33 10.32
N PRO A 144 9.69 -9.52 9.00
CA PRO A 144 10.02 -8.49 8.01
C PRO A 144 9.46 -7.08 8.29
N LEU A 145 8.19 -6.94 8.69
CA LEU A 145 7.59 -5.62 9.03
C LEU A 145 8.32 -4.99 10.23
N GLU A 146 8.58 -5.78 11.28
CA GLU A 146 9.34 -5.33 12.48
C GLU A 146 10.70 -4.74 12.03
N GLU A 147 11.42 -5.46 11.17
CA GLU A 147 12.78 -5.08 10.68
C GLU A 147 12.65 -3.84 9.78
N ALA A 148 11.60 -3.75 8.96
CA ALA A 148 11.35 -2.60 8.06
C ALA A 148 11.16 -1.33 8.91
N ILE A 149 10.39 -1.43 9.99
CA ILE A 149 10.09 -0.27 10.89
C ILE A 149 11.40 0.26 11.47
N SER A 150 12.28 -0.62 11.94
CA SER A 150 13.60 -0.23 12.52
C SER A 150 14.47 0.43 11.43
N ALA A 151 14.52 -0.14 10.23
CA ALA A 151 15.30 0.38 9.09
C ALA A 151 14.79 1.79 8.73
N LEU A 152 13.47 1.99 8.66
CA LEU A 152 12.89 3.32 8.34
C LEU A 152 13.27 4.31 9.45
N TYR A 153 13.15 3.89 10.70
CA TYR A 153 13.42 4.76 11.87
C TYR A 153 14.87 5.29 11.82
N TYR A 154 15.82 4.42 11.48
CA TYR A 154 17.28 4.69 11.64
C TYR A 154 17.88 5.32 10.37
N TYR A 155 17.07 5.57 9.35
CA TYR A 155 17.59 6.18 8.10
C TYR A 155 18.18 7.57 8.40
N SER A 156 17.49 8.38 9.21
CA SER A 156 17.85 9.81 9.42
C SER A 156 19.16 9.93 10.21
N THR A 157 19.59 8.88 10.92
CA THR A 157 20.84 8.93 11.73
C THR A 157 21.96 8.15 11.03
N GLY A 158 21.75 7.75 9.76
CA GLY A 158 22.76 7.12 8.91
C GLY A 158 22.95 5.66 9.24
N GLY A 159 22.05 5.06 10.03
CA GLY A 159 22.11 3.64 10.43
C GLY A 159 21.60 2.70 9.35
N THR A 160 20.74 3.18 8.46
CA THR A 160 20.18 2.40 7.32
C THR A 160 20.80 2.89 6.00
N GLN A 161 21.30 1.97 5.19
CA GLN A 161 21.77 2.28 3.81
C GLN A 161 20.53 2.30 2.90
N LEU A 162 20.64 2.97 1.76
CA LEU A 162 19.52 3.20 0.82
C LEU A 162 18.90 1.88 0.36
N PRO A 163 19.68 0.84 -0.02
CA PRO A 163 19.08 -0.44 -0.45
C PRO A 163 18.17 -1.05 0.62
N THR A 164 18.60 -1.00 1.89
CA THR A 164 17.82 -1.50 3.04
C THR A 164 16.53 -0.69 3.18
N LEU A 165 16.59 0.63 3.01
CA LEU A 165 15.40 1.49 3.06
C LEU A 165 14.44 1.08 1.93
N ALA A 166 14.97 0.88 0.73
CA ALA A 166 14.19 0.51 -0.47
C ALA A 166 13.45 -0.81 -0.17
N ARG A 167 14.16 -1.78 0.37
CA ARG A 167 13.58 -3.11 0.72
C ARG A 167 12.50 -2.95 1.78
N SER A 168 12.73 -2.09 2.79
CA SER A 168 11.76 -1.83 3.87
C SER A 168 10.47 -1.21 3.30
N PHE A 169 10.60 -0.31 2.33
CA PHE A 169 9.43 0.28 1.64
C PHE A 169 8.63 -0.80 0.90
N ILE A 170 9.30 -1.72 0.21
CA ILE A 170 8.62 -2.81 -0.52
C ILE A 170 7.79 -3.64 0.47
N ILE A 171 8.35 -3.95 1.65
CA ILE A 171 7.64 -4.71 2.73
C ILE A 171 6.41 -3.93 3.19
N CYS A 172 6.56 -2.67 3.59
CA CYS A 172 5.46 -1.85 4.15
C CYS A 172 4.35 -1.69 3.11
N ILE A 173 4.73 -1.36 1.88
CA ILE A 173 3.76 -1.09 0.78
C ILE A 173 2.89 -2.35 0.59
N GLN A 174 3.52 -3.51 0.53
CA GLN A 174 2.76 -4.76 0.25
C GLN A 174 1.87 -5.13 1.44
N MET A 175 2.35 -5.00 2.67
CA MET A 175 1.59 -5.47 3.85
C MET A 175 0.52 -4.47 4.25
N ILE A 176 0.53 -3.25 3.71
CA ILE A 176 -0.44 -2.20 4.11
C ILE A 176 -1.28 -1.79 2.89
N SER A 177 -0.66 -1.13 1.91
CA SER A 177 -1.34 -0.61 0.70
C SER A 177 -1.94 -1.78 -0.09
N GLU A 178 -1.15 -2.81 -0.40
CA GLU A 178 -1.63 -3.89 -1.31
C GLU A 178 -2.67 -4.73 -0.57
N ALA A 179 -2.52 -4.90 0.74
CA ALA A 179 -3.50 -5.61 1.60
C ALA A 179 -4.82 -4.83 1.66
N ALA A 180 -4.77 -3.50 1.76
CA ALA A 180 -5.97 -2.64 1.74
C ALA A 180 -6.68 -2.76 0.38
N ARG A 181 -5.91 -2.77 -0.70
CA ARG A 181 -6.42 -2.85 -2.10
C ARG A 181 -7.01 -4.22 -2.43
N PHE A 182 -6.48 -5.29 -1.87
CA PHE A 182 -6.89 -6.68 -2.23
C PHE A 182 -7.14 -7.51 -0.96
N GLN A 183 -8.40 -7.93 -0.74
CA GLN A 183 -8.72 -8.94 0.31
C GLN A 183 -7.82 -10.17 0.14
N TYR A 184 -7.47 -10.52 -1.10
CA TYR A 184 -6.66 -11.71 -1.42
C TYR A 184 -5.27 -11.58 -0.78
N ILE A 185 -4.67 -10.39 -0.88
CA ILE A 185 -3.32 -10.09 -0.32
C ILE A 185 -3.45 -9.90 1.20
N GLU A 186 -4.53 -9.28 1.68
CA GLU A 186 -4.86 -9.25 3.13
C GLU A 186 -4.85 -10.70 3.68
N GLY A 187 -5.44 -11.64 2.95
CA GLY A 187 -5.53 -13.05 3.37
C GLY A 187 -4.16 -13.72 3.41
N GLU A 188 -3.30 -13.40 2.44
CA GLU A 188 -1.92 -13.92 2.38
C GLU A 188 -1.15 -13.44 3.63
N MET A 189 -1.33 -12.18 4.03
CA MET A 189 -0.67 -11.63 5.24
C MET A 189 -1.29 -12.22 6.52
N ARG A 190 -2.61 -12.40 6.56
CA ARG A 190 -3.32 -13.06 7.70
C ARG A 190 -2.76 -14.47 7.91
N THR A 191 -2.57 -15.26 6.86
CA THR A 191 -2.05 -16.64 6.92
C THR A 191 -0.64 -16.63 7.53
N ARG A 192 0.23 -15.71 7.07
CA ARG A 192 1.63 -15.59 7.55
C ARG A 192 1.60 -15.31 9.06
N ILE A 193 0.67 -14.48 9.53
CA ILE A 193 0.53 -14.18 10.99
C ILE A 193 0.04 -15.44 11.70
N ARG A 194 -1.02 -16.05 11.20
CA ARG A 194 -1.65 -17.24 11.81
C ARG A 194 -0.60 -18.33 12.06
N TYR A 195 0.31 -18.54 11.11
CA TYR A 195 1.28 -19.66 11.12
C TYR A 195 2.69 -19.18 11.48
N ASN A 196 2.85 -17.95 11.94
CA ASN A 196 4.16 -17.40 12.40
C ASN A 196 5.19 -17.63 11.29
N ARG A 197 4.83 -17.27 10.06
CA ARG A 197 5.61 -17.54 8.82
C ARG A 197 6.16 -16.23 8.26
N ARG A 198 7.40 -16.26 7.77
CA ARG A 198 7.96 -15.19 6.91
C ARG A 198 8.31 -15.82 5.56
N SER A 199 7.79 -15.25 4.49
CA SER A 199 7.98 -15.82 3.14
C SER A 199 7.66 -14.76 2.10
N ALA A 200 8.35 -14.85 0.96
CA ALA A 200 8.17 -13.98 -0.22
C ALA A 200 6.80 -14.24 -0.84
N PRO A 201 6.20 -13.20 -1.45
CA PRO A 201 4.91 -13.35 -2.11
C PRO A 201 5.05 -14.21 -3.37
N ASP A 202 4.05 -15.06 -3.62
CA ASP A 202 3.99 -15.95 -4.80
C ASP A 202 3.54 -15.11 -6.01
N PRO A 203 3.62 -15.66 -7.22
CA PRO A 203 3.30 -14.89 -8.43
C PRO A 203 1.87 -14.34 -8.47
N SER A 204 0.91 -15.01 -7.81
CA SER A 204 -0.52 -14.57 -7.77
C SER A 204 -0.55 -13.18 -7.16
N VAL A 205 0.19 -12.99 -6.06
CA VAL A 205 0.26 -11.70 -5.32
C VAL A 205 0.90 -10.63 -6.19
N ILE A 206 2.08 -10.93 -6.76
CA ILE A 206 2.90 -9.93 -7.52
C ILE A 206 2.09 -9.45 -8.73
N THR A 207 1.46 -10.38 -9.46
CA THR A 207 0.68 -10.07 -10.69
C THR A 207 -0.55 -9.23 -10.33
N LEU A 208 -1.25 -9.52 -9.23
CA LEU A 208 -2.39 -8.69 -8.76
C LEU A 208 -1.86 -7.27 -8.47
N GLU A 209 -0.77 -7.14 -7.72
CA GLU A 209 -0.13 -5.83 -7.45
C GLU A 209 0.11 -5.11 -8.78
N ASN A 210 0.70 -5.80 -9.74
CA ASN A 210 1.11 -5.19 -11.04
C ASN A 210 -0.14 -4.75 -11.82
N SER A 211 -1.29 -5.40 -11.60
CA SER A 211 -2.50 -5.28 -12.46
C SER A 211 -3.56 -4.38 -11.82
N TRP A 212 -3.30 -3.81 -10.64
CA TRP A 212 -4.36 -3.08 -9.88
C TRP A 212 -4.97 -1.94 -10.70
N GLY A 213 -4.14 -1.11 -11.33
CA GLY A 213 -4.62 0.05 -12.12
C GLY A 213 -5.41 -0.41 -13.33
N ARG A 214 -4.92 -1.46 -14.01
CA ARG A 214 -5.58 -2.04 -15.20
C ARG A 214 -6.92 -2.68 -14.78
N LEU A 215 -7.00 -3.34 -13.61
CA LEU A 215 -8.26 -3.97 -13.12
C LEU A 215 -9.27 -2.88 -12.78
N SER A 216 -8.85 -1.81 -12.07
CA SER A 216 -9.74 -0.67 -11.74
C SER A 216 -10.37 -0.14 -13.03
N THR A 217 -9.57 0.06 -14.09
CA THR A 217 -10.03 0.56 -15.42
C THR A 217 -11.00 -0.47 -16.02
N ALA A 218 -10.59 -1.73 -16.10
CA ALA A 218 -11.41 -2.79 -16.75
C ALA A 218 -12.79 -2.90 -16.07
N ILE A 219 -12.86 -2.81 -14.75
CA ILE A 219 -14.12 -2.98 -13.96
C ILE A 219 -15.00 -1.75 -14.21
N GLN A 220 -14.42 -0.56 -14.15
CA GLN A 220 -15.21 0.69 -14.24
C GLN A 220 -15.70 0.91 -15.68
N GLU A 221 -14.93 0.45 -16.68
CA GLU A 221 -15.28 0.60 -18.12
C GLU A 221 -16.08 -0.60 -18.63
N SER A 222 -16.43 -1.57 -17.77
CA SER A 222 -17.04 -2.84 -18.19
C SER A 222 -18.46 -2.59 -18.71
N ASN A 223 -18.92 -3.40 -19.66
CA ASN A 223 -20.34 -3.40 -20.11
C ASN A 223 -21.11 -4.34 -19.20
N GLN A 224 -21.73 -3.75 -18.17
CA GLN A 224 -22.52 -4.47 -17.14
C GLN A 224 -21.69 -5.66 -16.65
N GLY A 225 -20.42 -5.43 -16.32
CA GLY A 225 -19.56 -6.42 -15.63
C GLY A 225 -18.66 -7.17 -16.58
N ALA A 226 -18.99 -7.25 -17.87
CA ALA A 226 -18.14 -7.92 -18.87
C ALA A 226 -17.04 -6.96 -19.34
N PHE A 227 -15.78 -7.37 -19.24
CA PHE A 227 -14.61 -6.55 -19.63
C PHE A 227 -14.62 -6.28 -21.14
N ALA A 228 -14.30 -5.04 -21.54
CA ALA A 228 -14.08 -4.65 -22.95
C ALA A 228 -12.94 -5.50 -23.52
N SER A 229 -11.91 -5.76 -22.71
CA SER A 229 -10.80 -6.68 -23.07
C SER A 229 -10.38 -7.50 -21.86
N PRO A 230 -9.92 -8.75 -22.07
CA PRO A 230 -9.51 -9.59 -20.97
C PRO A 230 -8.22 -9.10 -20.32
N ILE A 231 -8.03 -9.47 -19.06
CA ILE A 231 -6.79 -9.21 -18.28
C ILE A 231 -6.19 -10.57 -17.86
N GLN A 232 -4.89 -10.75 -18.08
CA GLN A 232 -4.16 -12.00 -17.75
C GLN A 232 -3.63 -11.88 -16.32
N LEU A 233 -3.93 -12.86 -15.45
CA LEU A 233 -3.38 -12.93 -14.08
C LEU A 233 -2.66 -14.27 -13.89
N GLN A 234 -2.05 -14.48 -12.72
CA GLN A 234 -1.34 -15.74 -12.39
C GLN A 234 -1.96 -16.41 -11.17
N ARG A 235 -1.94 -17.74 -11.17
CA ARG A 235 -2.27 -18.59 -10.01
C ARG A 235 -1.05 -18.65 -9.09
N ARG A 236 -1.21 -19.25 -7.90
CA ARG A 236 -0.11 -19.39 -6.92
C ARG A 236 1.09 -20.10 -7.56
N ASN A 237 0.86 -21.03 -8.49
CA ASN A 237 1.92 -21.88 -9.09
C ASN A 237 2.55 -21.18 -10.30
N GLY A 238 2.11 -19.97 -10.63
CA GLY A 238 2.67 -19.16 -11.74
C GLY A 238 1.96 -19.41 -13.06
N SER A 239 1.01 -20.33 -13.11
CA SER A 239 0.20 -20.59 -14.34
C SER A 239 -0.62 -19.34 -14.65
N LYS A 240 -0.79 -19.01 -15.93
CA LYS A 240 -1.49 -17.79 -16.39
C LYS A 240 -2.94 -18.15 -16.77
N PHE A 241 -3.87 -17.24 -16.50
CA PHE A 241 -5.28 -17.34 -16.91
C PHE A 241 -5.81 -15.93 -17.15
N SER A 242 -6.89 -15.80 -17.92
CA SER A 242 -7.49 -14.48 -18.25
C SER A 242 -8.82 -14.32 -17.52
N VAL A 243 -9.09 -13.10 -17.07
CA VAL A 243 -10.37 -12.69 -16.44
C VAL A 243 -11.13 -11.86 -17.48
N TYR A 244 -12.43 -12.12 -17.61
CA TYR A 244 -13.31 -11.49 -18.63
C TYR A 244 -14.42 -10.70 -17.97
N ASP A 245 -14.50 -10.75 -16.65
CA ASP A 245 -15.74 -10.41 -15.91
C ASP A 245 -15.38 -9.91 -14.50
N VAL A 246 -16.13 -8.94 -13.98
CA VAL A 246 -15.92 -8.43 -12.59
C VAL A 246 -16.22 -9.54 -11.56
N SER A 247 -17.19 -10.42 -11.81
CA SER A 247 -17.76 -11.30 -10.75
C SER A 247 -16.65 -12.13 -10.09
N ILE A 248 -15.73 -12.69 -10.88
CA ILE A 248 -14.64 -13.58 -10.35
C ILE A 248 -13.71 -12.81 -9.41
N LEU A 249 -13.68 -11.48 -9.49
CA LEU A 249 -12.72 -10.63 -8.75
C LEU A 249 -13.35 -10.11 -7.48
N ILE A 250 -14.65 -10.31 -7.25
CA ILE A 250 -15.34 -9.68 -6.10
C ILE A 250 -14.72 -10.18 -4.78
N PRO A 251 -14.33 -11.46 -4.64
CA PRO A 251 -13.58 -11.90 -3.46
C PRO A 251 -12.07 -11.49 -3.42
N ILE A 252 -11.54 -10.91 -4.50
CA ILE A 252 -10.07 -10.68 -4.70
C ILE A 252 -9.73 -9.21 -4.43
N ILE A 253 -10.45 -8.28 -5.05
CA ILE A 253 -10.13 -6.82 -5.05
C ILE A 253 -11.11 -6.09 -4.12
N ALA A 254 -10.58 -5.28 -3.20
CA ALA A 254 -11.34 -4.59 -2.14
C ALA A 254 -11.58 -3.11 -2.49
N LEU A 255 -10.65 -2.49 -3.24
CA LEU A 255 -10.65 -1.03 -3.55
C LEU A 255 -10.24 -0.87 -5.00
N MET A 256 -10.78 0.14 -5.69
CA MET A 256 -10.27 0.56 -7.03
C MET A 256 -9.96 2.06 -7.05
N VAL A 257 -8.96 2.44 -7.84
CA VAL A 257 -8.69 3.87 -8.18
C VAL A 257 -9.85 4.34 -9.07
N TYR A 258 -10.37 5.55 -8.78
CA TYR A 258 -11.41 6.23 -9.58
C TYR A 258 -10.90 6.45 -11.01
N ARG A 259 -11.69 6.01 -12.00
CA ARG A 259 -11.35 6.17 -13.44
C ARG A 259 -12.38 7.04 -14.15
N CYS A 260 -13.66 6.88 -13.85
CA CYS A 260 -14.72 7.67 -14.52
C CYS A 260 -15.96 7.72 -13.64
N ALA A 261 -16.88 8.64 -13.96
CA ALA A 261 -18.13 8.87 -13.23
C ALA A 261 -19.00 7.62 -13.31
N PRO A 262 -19.85 7.35 -12.29
CA PRO A 262 -20.80 6.23 -12.35
C PRO A 262 -21.76 6.32 -13.54
C10 ZJ4 B . -4.66 -20.26 -6.60
C15 ZJ4 B . -9.63 -17.14 -8.26
C01 ZJ4 B . -8.47 -13.60 -9.74
C02 ZJ4 B . -7.02 -13.55 -9.30
C03 ZJ4 B . -6.41 -14.70 -8.52
C04 ZJ4 B . -4.96 -14.65 -8.08
C05 ZJ4 B . -7.30 -15.90 -8.19
C06 ZJ4 B . -6.78 -17.07 -7.41
C07 ZJ4 B . -7.26 -17.39 -6.08
C08 ZJ4 B . -6.48 -18.70 -5.61
C09 ZJ4 B . -5.57 -19.07 -6.69
O11 ZJ4 B . -3.75 -20.44 -7.44
O12 ZJ4 B . -4.84 -21.04 -5.62
S13 ZJ4 B . -5.70 -18.08 -7.90
C14 ZJ4 B . -8.76 -15.94 -8.61
C16 ZJ4 B . -9.34 -14.78 -9.41
C1 EDO C . 23.35 6.74 0.67
O1 EDO C . 24.15 7.36 1.67
C2 EDO C . 23.74 5.32 0.46
O2 EDO C . 23.37 4.44 1.51
C1 EDO D . 9.04 -7.80 -11.84
O1 EDO D . 10.28 -8.46 -11.97
C2 EDO D . 7.87 -8.69 -11.73
O2 EDO D . 6.64 -8.01 -11.47
C1 EDO E . 15.19 -15.99 6.18
O1 EDO E . 15.24 -14.62 5.81
C2 EDO E . 14.01 -16.35 7.02
O2 EDO E . 13.15 -17.30 6.42
C1 EDO F . -0.51 7.77 17.93
O1 EDO F . 0.81 8.33 17.95
C2 EDO F . -1.55 8.65 18.50
O2 EDO F . -2.79 8.54 17.84
C1 EDO G . 14.81 -4.61 6.99
O1 EDO G . 16.20 -4.77 6.87
C2 EDO G . 14.15 -4.75 5.68
O2 EDO G . 14.61 -5.89 4.98
C1 EDO H . 5.86 -11.86 18.46
O1 EDO H . 6.53 -12.00 19.64
C2 EDO H . 4.69 -11.02 18.66
O2 EDO H . 4.26 -10.42 17.47
ZN ZN I . 6.41 -10.35 20.89
ZN ZN J . -22.51 -4.95 -12.52
#